data_4A8V
#
_entry.id   4A8V
#
_cell.length_a   32.760
_cell.length_b   56.000
_cell.length_c   38.080
_cell.angle_alpha   90.00
_cell.angle_beta   93.40
_cell.angle_gamma   90.00
#
_symmetry.space_group_name_H-M   'P 1 21 1'
#
loop_
_entity.id
_entity.type
_entity.pdbx_description
1 polymer 'MAJOR POLLEN ALLERGEN BET V 1-J'
2 non-polymer '8-ANILINO-1-NAPHTHALENE SULFONATE'
3 non-polymer (4S)-2-METHYL-2,4-PENTANEDIOL
4 non-polymer 'SULFATE ION'
5 non-polymer 2-AMINO-2-HYDROXYMETHYL-PROPANE-1,3-DIOL
6 water water
#
_entity_poly.entity_id   1
_entity_poly.type   'polypeptide(L)'
_entity_poly.pdbx_seq_one_letter_code
;GVFNYETEATSVIPAARLFKAFILDGDNLFPKVAPQAISSVENIEGNGGPGTIKKISFPEGFPFKYVKDRVDEVDHTNFK
YSYSVIEGGPVGDTLEKISNEIKIVATPNGGSILKINNKYHTKGDHEVKAEQIKASKEMGETLLRAVESYLLAHSDAYN
;
_entity_poly.pdbx_strand_id   A
#
# COMPACT_ATOMS: atom_id res chain seq x y z
N GLY A 1 17.89 8.20 11.24
CA GLY A 1 18.11 8.71 9.88
C GLY A 1 17.13 8.12 8.93
N VAL A 2 17.24 8.42 7.65
CA VAL A 2 16.29 8.00 6.67
C VAL A 2 16.93 7.24 5.56
N PHE A 3 16.40 6.08 5.21
CA PHE A 3 16.75 5.28 4.09
C PHE A 3 15.71 5.43 3.03
N ASN A 4 15.99 5.81 1.82
CA ASN A 4 15.06 6.13 0.76
C ASN A 4 15.11 5.07 -0.32
N TYR A 5 13.94 4.60 -0.75
CA TYR A 5 13.86 3.60 -1.81
C TYR A 5 12.81 4.03 -2.79
N GLU A 6 13.08 3.93 -4.06
CA GLU A 6 12.17 4.28 -5.13
C GLU A 6 12.07 3.06 -6.05
N THR A 7 10.87 2.80 -6.54
CA THR A 7 10.67 1.81 -7.57
C THR A 7 9.44 2.19 -8.39
N GLU A 8 9.25 1.50 -9.49
CA GLU A 8 8.06 1.66 -10.29
C GLU A 8 7.48 0.31 -10.62
N ALA A 9 6.19 0.32 -10.82
CA ALA A 9 5.46 -0.86 -11.23
C ALA A 9 4.53 -0.42 -12.36
N THR A 10 4.10 -1.36 -13.16
CA THR A 10 3.13 -1.10 -14.22
C THR A 10 1.85 -1.88 -14.04
N SER A 11 0.78 -1.37 -14.64
CA SER A 11 -0.49 -2.06 -14.68
C SER A 11 -1.13 -1.86 -16.03
N VAL A 12 -2.03 -2.80 -16.39
CA VAL A 12 -2.81 -2.68 -17.59
C VAL A 12 -4.13 -1.97 -17.31
N ILE A 13 -4.35 -1.52 -16.08
CA ILE A 13 -5.62 -0.84 -15.72
C ILE A 13 -5.39 0.66 -15.79
N PRO A 14 -6.27 1.43 -16.41
CA PRO A 14 -6.19 2.87 -16.39
C PRO A 14 -6.05 3.47 -15.00
N ALA A 15 -5.33 4.59 -14.90
CA ALA A 15 -4.92 5.17 -13.64
C ALA A 15 -6.08 5.49 -12.69
N ALA A 16 -7.10 6.19 -13.16
CA ALA A 16 -8.16 6.60 -12.25
C ALA A 16 -8.89 5.41 -11.65
N ARG A 17 -9.16 4.38 -12.44
CA ARG A 17 -9.86 3.22 -11.97
C ARG A 17 -8.98 2.42 -11.00
N LEU A 18 -7.69 2.30 -11.35
CA LEU A 18 -6.79 1.59 -10.44
C LEU A 18 -6.68 2.35 -9.10
N PHE A 19 -6.60 3.67 -9.14
CA PHE A 19 -6.53 4.46 -7.91
C PHE A 19 -7.79 4.24 -7.04
N LYS A 20 -8.94 4.28 -7.68
CA LYS A 20 -10.21 4.11 -6.99
C LYS A 20 -10.28 2.77 -6.28
N ALA A 21 -9.78 1.72 -6.92
CA ALA A 21 -9.83 0.39 -6.36
C ALA A 21 -8.68 0.10 -5.40
N PHE A 22 -7.45 0.14 -5.93
CA PHE A 22 -6.26 -0.26 -5.20
C PHE A 22 -5.96 0.66 -4.03
N ILE A 23 -6.20 1.96 -4.17
N ILE A 23 -6.16 1.97 -4.19
CA ILE A 23 -5.98 2.93 -3.07
CA ILE A 23 -6.00 2.91 -3.08
C ILE A 23 -7.24 3.26 -2.30
C ILE A 23 -7.33 3.09 -2.33
N LEU A 24 -8.27 3.76 -2.96
CA LEU A 24 -9.43 4.27 -2.22
C LEU A 24 -10.29 3.12 -1.63
N ASP A 25 -10.19 1.90 -2.15
CA ASP A 25 -11.00 0.79 -1.62
C ASP A 25 -10.18 -0.41 -1.13
N GLY A 26 -8.93 -0.22 -0.79
CA GLY A 26 -8.10 -1.33 -0.35
C GLY A 26 -8.60 -2.02 0.93
N ASP A 27 -9.24 -1.30 1.85
CA ASP A 27 -9.69 -1.97 3.08
C ASP A 27 -10.67 -3.08 2.77
N ASN A 28 -11.49 -2.89 1.76
N ASN A 28 -11.44 -2.90 1.72
CA ASN A 28 -12.45 -3.91 1.30
CA ASN A 28 -12.33 -3.90 1.19
C ASN A 28 -11.74 -4.88 0.30
C ASN A 28 -11.66 -4.89 0.33
N LEU A 29 -10.97 -4.37 -0.65
CA LEU A 29 -10.50 -5.25 -1.68
C LEU A 29 -9.36 -6.17 -1.24
N PHE A 30 -8.41 -5.69 -0.45
CA PHE A 30 -7.26 -6.54 -0.16
C PHE A 30 -7.58 -7.88 0.52
N PRO A 31 -8.48 -7.89 1.54
CA PRO A 31 -8.77 -9.16 2.14
C PRO A 31 -9.64 -10.04 1.24
N LYS A 32 -10.34 -9.43 0.30
CA LYS A 32 -11.19 -10.14 -0.64
CA LYS A 32 -11.20 -10.16 -0.63
C LYS A 32 -10.37 -10.82 -1.72
N VAL A 33 -9.46 -10.07 -2.36
CA VAL A 33 -8.73 -10.55 -3.53
C VAL A 33 -7.43 -11.22 -3.20
N ALA A 34 -6.87 -10.95 -2.01
CA ALA A 34 -5.59 -11.51 -1.62
C ALA A 34 -5.64 -12.04 -0.18
N PRO A 35 -6.60 -12.95 0.11
CA PRO A 35 -6.75 -13.50 1.45
C PRO A 35 -5.53 -14.22 1.95
N GLN A 36 -4.75 -14.75 1.03
CA GLN A 36 -3.51 -15.38 1.41
C GLN A 36 -2.39 -14.44 1.79
N ALA A 37 -2.58 -13.14 1.55
CA ALA A 37 -1.61 -12.10 1.88
C ALA A 37 -2.08 -11.15 3.02
N ILE A 38 -3.39 -10.96 3.11
N ILE A 38 -3.34 -10.74 3.01
CA ILE A 38 -3.96 -9.99 4.04
CA ILE A 38 -3.85 -9.86 4.07
C ILE A 38 -5.18 -10.64 4.67
C ILE A 38 -5.13 -10.48 4.63
N SER A 39 -5.15 -10.87 5.98
N SER A 39 -5.13 -10.72 5.94
N SER A 39 -5.14 -10.92 5.96
CA SER A 39 -6.29 -11.51 6.63
CA SER A 39 -6.22 -11.43 6.63
CA SER A 39 -6.36 -11.45 6.55
C SER A 39 -7.45 -10.56 6.96
C SER A 39 -7.43 -10.55 6.88
C SER A 39 -7.48 -10.44 6.65
N SER A 40 -7.18 -9.28 7.21
CA SER A 40 -8.25 -8.32 7.48
C SER A 40 -7.67 -6.96 7.52
N VAL A 41 -8.51 -5.95 7.34
CA VAL A 41 -8.17 -4.55 7.50
C VAL A 41 -9.23 -3.91 8.40
N GLU A 42 -8.82 -3.32 9.51
CA GLU A 42 -9.69 -2.66 10.47
C GLU A 42 -9.51 -1.20 10.49
N ASN A 43 -10.55 -0.39 10.36
CA ASN A 43 -10.43 1.01 10.59
C ASN A 43 -10.44 1.25 12.06
N ILE A 44 -9.44 1.90 12.61
CA ILE A 44 -9.29 2.18 14.03
C ILE A 44 -9.80 3.58 14.36
N GLU A 45 -9.49 4.58 13.54
CA GLU A 45 -9.84 6.00 13.82
CA GLU A 45 -9.90 5.94 13.81
C GLU A 45 -9.88 6.71 12.49
N GLY A 46 -10.82 7.61 12.28
CA GLY A 46 -10.79 8.52 11.15
C GLY A 46 -11.69 8.11 10.01
N ASN A 47 -12.00 9.08 9.17
CA ASN A 47 -12.99 8.91 8.15
C ASN A 47 -12.42 8.86 6.74
N GLY A 48 -11.10 8.63 6.63
CA GLY A 48 -10.43 8.30 5.37
C GLY A 48 -9.37 9.31 4.95
N GLY A 49 -9.37 10.50 5.53
CA GLY A 49 -8.37 11.46 5.18
C GLY A 49 -7.17 11.40 6.07
N PRO A 50 -6.31 12.41 5.96
CA PRO A 50 -5.13 12.56 6.81
C PRO A 50 -5.38 12.21 8.26
N GLY A 51 -4.60 11.30 8.80
CA GLY A 51 -4.66 10.85 10.14
C GLY A 51 -5.45 9.59 10.42
N THR A 52 -6.17 9.08 9.40
CA THR A 52 -6.96 7.85 9.55
C THR A 52 -6.02 6.69 9.82
N ILE A 53 -6.27 5.86 10.81
CA ILE A 53 -5.45 4.73 11.15
C ILE A 53 -6.17 3.44 10.86
N LYS A 54 -5.51 2.50 10.22
CA LYS A 54 -6.00 1.19 9.91
CA LYS A 54 -6.03 1.17 9.97
C LYS A 54 -5.06 0.13 10.47
N LYS A 55 -5.56 -1.00 10.89
CA LYS A 55 -4.80 -2.11 11.31
C LYS A 55 -4.89 -3.19 10.27
N ILE A 56 -3.78 -3.56 9.64
CA ILE A 56 -3.71 -4.56 8.61
C ILE A 56 -3.11 -5.81 9.23
N SER A 57 -3.89 -6.91 9.25
CA SER A 57 -3.41 -8.14 9.82
C SER A 57 -2.97 -9.09 8.74
N PHE A 58 -1.93 -9.84 9.03
CA PHE A 58 -1.38 -10.82 8.11
C PHE A 58 -1.79 -12.20 8.51
N PRO A 59 -1.81 -13.14 7.56
CA PRO A 59 -2.16 -14.50 7.87
C PRO A 59 -1.19 -15.20 8.79
N GLU A 60 -1.58 -16.27 9.40
CA GLU A 60 -0.70 -17.10 10.19
C GLU A 60 0.51 -17.50 9.33
N GLY A 61 1.67 -17.59 9.97
CA GLY A 61 2.87 -18.00 9.32
C GLY A 61 3.69 -16.91 8.67
N PHE A 62 3.12 -15.72 8.54
CA PHE A 62 3.85 -14.59 8.02
C PHE A 62 4.85 -14.06 9.03
N PRO A 63 5.88 -13.31 8.57
CA PRO A 63 6.88 -12.84 9.51
C PRO A 63 6.33 -11.95 10.60
N PHE A 64 5.34 -11.13 10.26
CA PHE A 64 4.72 -10.16 11.18
C PHE A 64 3.26 -10.48 11.40
N LYS A 65 2.76 -10.05 12.55
CA LYS A 65 1.37 -10.21 12.92
C LYS A 65 0.48 -9.17 12.24
N TYR A 66 0.87 -7.90 12.31
CA TYR A 66 0.05 -6.82 11.80
C TYR A 66 0.93 -5.58 11.64
N VAL A 67 0.42 -4.62 10.89
CA VAL A 67 0.95 -3.23 10.96
C VAL A 67 -0.23 -2.29 11.10
N LYS A 68 0.01 -1.15 11.72
CA LYS A 68 -0.94 -0.04 11.69
C LYS A 68 -0.44 0.98 10.73
N ASP A 69 -1.21 1.37 9.74
CA ASP A 69 -0.93 2.38 8.73
C ASP A 69 -1.73 3.62 8.96
N ARG A 70 -1.17 4.79 8.84
CA ARG A 70 -1.82 6.06 8.99
C ARG A 70 -1.89 6.73 7.65
N VAL A 71 -3.02 7.18 7.17
CA VAL A 71 -3.13 7.97 6.00
C VAL A 71 -2.47 9.32 6.25
N ASP A 72 -1.58 9.73 5.35
CA ASP A 72 -0.94 11.06 5.44
C ASP A 72 -1.64 12.05 4.52
N GLU A 73 -1.81 11.72 3.24
N GLU A 73 -1.85 11.69 3.26
CA GLU A 73 -2.42 12.60 2.24
CA GLU A 73 -2.36 12.61 2.26
C GLU A 73 -3.03 11.79 1.14
C GLU A 73 -3.01 11.81 1.13
N VAL A 74 -4.09 12.34 0.56
CA VAL A 74 -4.83 11.64 -0.52
C VAL A 74 -5.18 12.70 -1.56
N ASP A 75 -4.62 12.57 -2.75
CA ASP A 75 -4.83 13.52 -3.84
C ASP A 75 -5.64 12.81 -4.92
N HIS A 76 -6.94 13.08 -4.93
CA HIS A 76 -7.88 12.45 -5.85
C HIS A 76 -7.75 12.95 -7.27
N THR A 77 -7.07 14.07 -7.48
CA THR A 77 -6.89 14.65 -8.81
C THR A 77 -5.69 14.04 -9.50
N ASN A 78 -4.56 13.99 -8.78
CA ASN A 78 -3.29 13.55 -9.32
C ASN A 78 -2.98 12.10 -8.97
N PHE A 79 -3.91 11.40 -8.32
CA PHE A 79 -3.75 9.97 -7.99
C PHE A 79 -2.47 9.73 -7.20
N LYS A 80 -2.34 10.51 -6.14
CA LYS A 80 -1.23 10.43 -5.22
C LYS A 80 -1.75 10.05 -3.84
N TYR A 81 -1.06 9.15 -3.19
CA TYR A 81 -1.43 8.66 -1.87
C TYR A 81 -0.19 8.49 -1.02
N SER A 82 -0.24 9.04 0.18
CA SER A 82 0.86 8.98 1.12
CA SER A 82 0.88 8.82 1.07
C SER A 82 0.37 8.35 2.40
N TYR A 83 1.08 7.43 3.00
CA TYR A 83 0.67 6.78 4.24
C TYR A 83 1.92 6.35 4.97
N SER A 84 1.87 6.13 6.26
CA SER A 84 3.00 5.73 7.06
C SER A 84 2.69 4.49 7.86
N VAL A 85 3.61 3.56 7.97
CA VAL A 85 3.56 2.45 8.86
C VAL A 85 4.04 2.92 10.20
N ILE A 86 3.20 2.95 11.22
CA ILE A 86 3.45 3.62 12.48
CA ILE A 86 3.53 3.62 12.46
C ILE A 86 3.51 2.69 13.68
N GLU A 87 3.18 1.42 13.48
CA GLU A 87 3.21 0.44 14.57
C GLU A 87 3.13 -0.96 13.98
N GLY A 88 3.70 -1.92 14.69
CA GLY A 88 3.71 -3.28 14.26
C GLY A 88 4.76 -3.66 13.27
N GLY A 89 4.87 -4.95 13.04
CA GLY A 89 5.79 -5.48 12.07
C GLY A 89 7.18 -5.04 12.40
N PRO A 90 7.85 -4.38 11.46
CA PRO A 90 9.22 -3.99 11.70
C PRO A 90 9.40 -2.77 12.65
N VAL A 91 8.33 -2.04 12.93
CA VAL A 91 8.39 -0.84 13.76
C VAL A 91 8.58 -1.15 15.24
N GLY A 92 9.46 -0.44 15.90
CA GLY A 92 9.80 -0.70 17.31
C GLY A 92 11.09 0.03 17.66
N ASP A 93 11.92 -0.58 18.49
CA ASP A 93 13.09 0.12 19.01
C ASP A 93 14.20 0.33 17.99
N THR A 94 14.05 -0.17 16.75
CA THR A 94 15.07 0.08 15.71
C THR A 94 14.51 0.88 14.51
N LEU A 95 13.21 1.12 14.48
CA LEU A 95 12.57 1.70 13.31
C LEU A 95 11.37 2.47 13.83
N GLU A 96 11.33 3.78 13.63
N GLU A 96 11.36 3.78 13.60
CA GLU A 96 10.23 4.62 14.11
CA GLU A 96 10.29 4.64 14.09
C GLU A 96 9.04 4.52 13.20
C GLU A 96 9.05 4.53 13.21
N LYS A 97 9.23 4.54 11.90
CA LYS A 97 8.12 4.60 10.96
C LYS A 97 8.62 4.33 9.59
N ILE A 98 7.76 3.96 8.67
CA ILE A 98 8.02 3.91 7.25
C ILE A 98 7.09 4.88 6.56
N SER A 99 7.52 5.90 5.89
CA SER A 99 6.69 6.85 5.19
CA SER A 99 6.73 6.88 5.22
C SER A 99 6.70 6.57 3.72
N ASN A 100 5.53 6.33 3.17
CA ASN A 100 5.35 5.85 1.82
C ASN A 100 4.62 6.84 0.96
N GLU A 101 4.88 6.87 -0.31
CA GLU A 101 4.21 7.68 -1.27
C GLU A 101 4.04 6.87 -2.55
N ILE A 102 2.84 6.92 -3.14
CA ILE A 102 2.50 6.26 -4.40
CA ILE A 102 2.65 6.33 -4.44
C ILE A 102 1.89 7.31 -5.31
N LYS A 103 2.26 7.34 -6.58
CA LYS A 103 1.58 8.16 -7.56
C LYS A 103 1.26 7.24 -8.74
N ILE A 104 0.04 7.31 -9.25
CA ILE A 104 -0.36 6.49 -10.40
C ILE A 104 -0.54 7.44 -11.57
N VAL A 105 0.17 7.14 -12.66
CA VAL A 105 0.21 7.98 -13.83
CA VAL A 105 0.08 8.01 -13.84
C VAL A 105 -0.37 7.23 -15.04
N ALA A 106 -1.21 7.87 -15.83
CA ALA A 106 -1.76 7.26 -17.02
C ALA A 106 -0.67 7.09 -18.08
N THR A 107 -0.76 6.01 -18.86
CA THR A 107 0.02 5.84 -20.09
C THR A 107 -0.96 5.83 -21.32
N PRO A 108 -0.46 6.26 -22.49
CA PRO A 108 -1.30 6.35 -23.69
C PRO A 108 -1.87 5.00 -24.20
N ASN A 109 -1.25 3.88 -23.84
N ASN A 109 -1.34 3.85 -23.83
CA ASN A 109 -1.77 2.59 -24.22
CA ASN A 109 -1.86 2.56 -24.20
C ASN A 109 -3.00 2.19 -23.40
C ASN A 109 -3.10 2.16 -23.39
N GLY A 110 -3.37 2.98 -22.38
CA GLY A 110 -4.54 2.73 -21.55
C GLY A 110 -4.19 2.05 -20.27
N GLY A 111 -2.91 1.93 -19.95
CA GLY A 111 -2.44 1.38 -18.69
C GLY A 111 -2.01 2.47 -17.74
N SER A 112 -1.20 2.07 -16.77
N SER A 112 -1.29 2.03 -16.69
CA SER A 112 -0.67 3.04 -15.83
CA SER A 112 -0.75 2.88 -15.61
C SER A 112 0.69 2.61 -15.30
C SER A 112 0.70 2.59 -15.30
N ILE A 113 1.36 3.59 -14.73
CA ILE A 113 2.67 3.42 -14.07
C ILE A 113 2.48 3.87 -12.64
N LEU A 114 2.93 3.05 -11.70
CA LEU A 114 2.95 3.39 -10.29
C LEU A 114 4.37 3.76 -9.87
N LYS A 115 4.51 4.97 -9.33
CA LYS A 115 5.78 5.49 -8.88
C LYS A 115 5.75 5.43 -7.36
N ILE A 116 6.65 4.69 -6.72
CA ILE A 116 6.59 4.33 -5.33
C ILE A 116 7.84 4.80 -4.61
N ASN A 117 7.68 5.50 -3.50
CA ASN A 117 8.80 5.94 -2.66
C ASN A 117 8.58 5.49 -1.23
N ASN A 118 9.53 4.83 -0.61
CA ASN A 118 9.43 4.38 0.77
C ASN A 118 10.58 5.01 1.52
N LYS A 119 10.34 5.65 2.65
CA LYS A 119 11.37 6.20 3.48
CA LYS A 119 11.39 6.19 3.46
C LYS A 119 11.33 5.57 4.86
N TYR A 120 12.34 4.83 5.24
CA TYR A 120 12.48 4.21 6.50
C TYR A 120 13.14 5.13 7.48
N HIS A 121 12.53 5.48 8.57
CA HIS A 121 13.06 6.39 9.60
C HIS A 121 13.53 5.59 10.76
N THR A 122 14.81 5.51 10.95
CA THR A 122 15.37 4.62 11.95
C THR A 122 15.76 5.36 13.18
N LYS A 123 15.81 4.58 14.26
CA LYS A 123 16.27 5.01 15.58
C LYS A 123 17.64 4.39 15.73
N GLY A 124 18.62 5.22 16.03
CA GLY A 124 19.96 4.74 16.29
C GLY A 124 20.63 4.08 15.09
N ASP A 125 20.36 4.60 13.89
CA ASP A 125 20.99 4.10 12.64
C ASP A 125 21.10 2.59 12.55
N HIS A 126 19.97 1.91 12.72
CA HIS A 126 19.90 0.48 12.46
C HIS A 126 19.67 0.26 11.00
N GLU A 127 20.70 -0.18 10.32
CA GLU A 127 20.66 -0.35 8.88
C GLU A 127 19.45 -1.09 8.38
N VAL A 128 18.79 -0.53 7.39
CA VAL A 128 17.72 -1.22 6.72
C VAL A 128 18.38 -2.01 5.59
N LYS A 129 18.08 -3.31 5.45
CA LYS A 129 18.79 -4.11 4.46
C LYS A 129 17.89 -4.65 3.34
N ALA A 130 18.55 -5.07 2.28
CA ALA A 130 17.88 -5.44 1.06
C ALA A 130 16.75 -6.46 1.29
N GLU A 131 16.91 -7.31 2.29
CA GLU A 131 15.95 -8.39 2.49
C GLU A 131 14.55 -7.88 2.89
N GLN A 132 14.51 -6.80 3.70
CA GLN A 132 13.22 -6.20 4.13
C GLN A 132 12.55 -5.49 2.97
N ILE A 133 13.39 -4.85 2.15
CA ILE A 133 12.91 -4.11 1.00
C ILE A 133 12.34 -5.07 -0.03
N LYS A 134 13.04 -6.17 -0.25
CA LYS A 134 12.58 -7.21 -1.16
C LYS A 134 11.21 -7.74 -0.74
N ALA A 135 11.07 -7.99 0.56
CA ALA A 135 9.80 -8.49 1.10
C ALA A 135 8.64 -7.53 0.88
N SER A 136 8.88 -6.27 1.16
CA SER A 136 7.86 -5.25 0.99
CA SER A 136 7.89 -5.22 0.98
C SER A 136 7.48 -5.11 -0.48
N LYS A 137 8.47 -5.17 -1.36
CA LYS A 137 8.18 -5.07 -2.77
C LYS A 137 7.33 -6.25 -3.23
N GLU A 138 7.68 -7.46 -2.80
CA GLU A 138 6.92 -8.66 -3.15
C GLU A 138 5.49 -8.56 -2.70
N MET A 139 5.27 -8.04 -1.49
CA MET A 139 3.88 -7.87 -0.99
CA MET A 139 3.89 -7.90 -1.02
C MET A 139 3.14 -6.86 -1.84
N GLY A 140 3.74 -5.74 -2.13
CA GLY A 140 3.07 -4.73 -2.94
C GLY A 140 2.73 -5.24 -4.31
N GLU A 141 3.65 -5.96 -4.94
CA GLU A 141 3.40 -6.55 -6.25
C GLU A 141 2.26 -7.58 -6.18
N THR A 142 2.26 -8.42 -5.16
CA THR A 142 1.20 -9.42 -4.99
C THR A 142 -0.16 -8.75 -4.91
N LEU A 143 -0.25 -7.69 -4.11
CA LEU A 143 -1.48 -6.97 -3.96
C LEU A 143 -1.93 -6.28 -5.26
N LEU A 144 -0.98 -5.66 -5.96
CA LEU A 144 -1.30 -5.01 -7.21
C LEU A 144 -1.83 -6.00 -8.23
N ARG A 145 -1.15 -7.13 -8.37
CA ARG A 145 -1.56 -8.10 -9.36
C ARG A 145 -2.94 -8.70 -9.01
N ALA A 146 -3.20 -8.94 -7.72
CA ALA A 146 -4.48 -9.47 -7.30
C ALA A 146 -5.61 -8.48 -7.61
N VAL A 147 -5.40 -7.22 -7.27
CA VAL A 147 -6.38 -6.20 -7.62
C VAL A 147 -6.57 -6.05 -9.13
N GLU A 148 -5.48 -6.06 -9.87
CA GLU A 148 -5.56 -6.00 -11.31
C GLU A 148 -6.41 -7.12 -11.87
N SER A 149 -6.14 -8.33 -11.43
N SER A 149 -6.14 -8.33 -11.41
CA SER A 149 -6.90 -9.48 -11.92
CA SER A 149 -6.85 -9.50 -11.89
C SER A 149 -8.37 -9.31 -11.63
C SER A 149 -8.35 -9.40 -11.59
N TYR A 150 -8.72 -8.84 -10.43
CA TYR A 150 -10.10 -8.61 -10.06
C TYR A 150 -10.76 -7.58 -11.00
N LEU A 151 -10.05 -6.49 -11.27
CA LEU A 151 -10.56 -5.42 -12.15
C LEU A 151 -10.72 -5.87 -13.59
N LEU A 152 -9.88 -6.77 -14.02
CA LEU A 152 -10.01 -7.35 -15.37
C LEU A 152 -11.27 -8.23 -15.46
N ALA A 153 -11.57 -8.95 -14.38
CA ALA A 153 -12.64 -9.92 -14.34
C ALA A 153 -13.99 -9.32 -13.99
N HIS A 154 -14.03 -8.14 -13.41
CA HIS A 154 -15.28 -7.53 -12.94
C HIS A 154 -15.33 -6.14 -13.57
N SER A 155 -15.83 -6.07 -14.80
CA SER A 155 -15.81 -4.83 -15.57
C SER A 155 -16.65 -3.73 -14.99
N ASP A 156 -17.72 -4.07 -14.25
CA ASP A 156 -18.57 -3.07 -13.69
C ASP A 156 -18.07 -2.52 -12.37
N ALA A 157 -16.97 -3.05 -11.83
CA ALA A 157 -16.46 -2.61 -10.54
C ALA A 157 -15.59 -1.36 -10.73
N TYR A 158 -15.82 -0.34 -9.92
CA TYR A 158 -15.03 0.86 -9.89
C TYR A 158 -15.04 1.64 -11.20
N ASN A 159 -16.16 1.88 -11.85
N ASN A 159 -16.12 1.33 -11.96
CA ASN A 159 -16.09 2.87 -12.96
CA ASN A 159 -16.43 1.82 -13.33
C ASN A 159 -16.56 4.27 -12.62
C ASN A 159 -17.51 2.90 -13.25
#